data_4OZU
#
_entry.id   4OZU
#
_cell.length_a   55.130
_cell.length_b   82.510
_cell.length_c   156.980
_cell.angle_alpha   90.00
_cell.angle_beta   90.00
_cell.angle_gamma   90.00
#
_symmetry.space_group_name_H-M   'C 2 2 21'
#
loop_
_entity.id
_entity.type
_entity.pdbx_description
1 polymer Coronin
2 non-polymer 2-AMINO-2-HYDROXYMETHYL-PROPANE-1,3-DIOL
3 non-polymer 'ACETATE ION'
4 water water
#
_entity_poly.entity_id   1
_entity_poly.type   'polypeptide(L)'
_entity_poly.pdbx_seq_one_letter_code
;GPGADAVDVPLIKNLYAEAWKQQYSDLRLSTKQTESCGLAANTEYIAAPWDVGGGGVLGILRLADIGRNPAVAKIKGHTA
SIQDTNFSPFYRDILATACEDTIVRIWQLPEEVTGTTELKEPIATLTGALKKVLSAEWNPAVSGILASGCFDGTVAFWNV
EKNENFASVKFQESLLSAKWSWKGDLLACTTKDKALNIVDPRAAQVVGSVACHDGSKACKCTWIDGLAGRDGHVFTTGFG
KMQEREMAIWDTRKFDKPVYHAEIDRGSSPLYPIFDETTGMLYVCGKGDSSCRYYQYHGGTLRSVDAYRSSVPIKNFCFI
PKLAVDQMRAEIGRMLKQENGNVLQPISFIVPRKNQDVFQADLYPPAPDVEPSMTAEEWFKGENKAIRRRSVKP
;
_entity_poly.pdbx_strand_id   A
#
loop_
_chem_comp.id
_chem_comp.type
_chem_comp.name
_chem_comp.formula
ACT non-polymer 'ACETATE ION' 'C2 H3 O2 -1'
TRS non-polymer 2-AMINO-2-HYDROXYMETHYL-PROPANE-1,3-DIOL 'C4 H12 N O3 1'
#
# COMPACT_ATOMS: atom_id res chain seq x y z
N ASP A 5 4.02 13.01 27.17
CA ASP A 5 2.57 13.06 27.06
C ASP A 5 2.09 12.57 25.70
N ALA A 6 2.97 11.93 24.95
CA ALA A 6 2.59 11.34 23.67
C ALA A 6 1.58 10.22 23.90
N VAL A 7 0.59 10.14 23.01
CA VAL A 7 -0.44 9.10 23.11
C VAL A 7 0.14 7.75 22.70
N ASP A 8 -0.04 6.73 23.54
CA ASP A 8 0.49 5.41 23.27
C ASP A 8 -0.43 4.63 22.35
N VAL A 9 0.08 3.55 21.77
CA VAL A 9 -0.70 2.74 20.84
C VAL A 9 -1.89 2.10 21.56
N PRO A 10 -3.11 2.35 21.08
CA PRO A 10 -4.29 1.81 21.77
C PRO A 10 -4.53 0.33 21.51
N LEU A 11 -5.06 -0.36 22.51
CA LEU A 11 -5.59 -1.71 22.31
C LEU A 11 -6.95 -1.55 21.67
N ILE A 12 -7.18 -2.24 20.55
CA ILE A 12 -8.43 -2.12 19.84
C ILE A 12 -9.10 -3.48 19.73
N LYS A 13 -10.10 -3.70 20.59
CA LYS A 13 -10.86 -4.94 20.60
C LYS A 13 -12.10 -4.85 19.72
N ASN A 14 -12.52 -3.62 19.45
CA ASN A 14 -13.75 -3.36 18.70
C ASN A 14 -13.49 -2.37 17.59
N LEU A 15 -13.85 -2.75 16.38
CA LEU A 15 -13.70 -1.88 15.22
C LEU A 15 -14.71 -2.33 14.20
N TYR A 16 -15.64 -1.45 13.82
CA TYR A 16 -16.67 -1.85 12.88
C TYR A 16 -16.53 -1.11 11.57
N ALA A 17 -16.88 -1.82 10.49
CA ALA A 17 -16.83 -1.27 9.16
C ALA A 17 -18.16 -0.62 8.82
N GLU A 18 -18.13 0.62 8.34
CA GLU A 18 -19.34 1.31 7.92
C GLU A 18 -19.17 1.84 6.49
N ALA A 19 -19.91 1.26 5.56
CA ALA A 19 -19.94 1.75 4.19
C ALA A 19 -20.68 3.09 4.16
N TRP A 20 -20.06 4.09 3.53
CA TRP A 20 -20.70 5.39 3.38
C TRP A 20 -21.97 5.30 2.55
N LYS A 21 -22.95 6.14 2.84
CA LYS A 21 -24.11 6.26 1.96
C LYS A 21 -23.67 6.93 0.66
N GLN A 22 -22.77 7.90 0.79
CA GLN A 22 -22.23 8.61 -0.36
C GLN A 22 -21.21 7.75 -1.11
N GLN A 23 -21.08 8.01 -2.41
CA GLN A 23 -20.13 7.29 -3.26
C GLN A 23 -19.52 8.24 -4.28
N TYR A 24 -18.35 7.87 -4.79
CA TYR A 24 -17.84 8.46 -6.02
C TYR A 24 -18.46 7.62 -7.13
N SER A 25 -19.37 8.20 -7.91
CA SER A 25 -20.13 7.42 -8.88
C SER A 25 -20.08 8.00 -10.29
N ASP A 26 -20.64 7.25 -11.23
CA ASP A 26 -20.60 7.57 -12.65
C ASP A 26 -19.17 7.70 -13.16
N LEU A 27 -18.30 6.85 -12.62
CA LEU A 27 -16.93 6.76 -13.08
C LEU A 27 -16.82 5.74 -14.20
N ARG A 28 -15.68 5.74 -14.89
CA ARG A 28 -15.37 4.75 -15.91
C ARG A 28 -14.04 4.09 -15.56
N LEU A 29 -14.10 3.08 -14.69
CA LEU A 29 -12.89 2.51 -14.10
C LEU A 29 -12.46 1.22 -14.77
N SER A 30 -11.15 0.98 -14.77
CA SER A 30 -10.59 -0.26 -15.27
C SER A 30 -10.91 -1.42 -14.35
N THR A 31 -11.09 -2.59 -14.93
CA THR A 31 -11.28 -3.83 -14.17
C THR A 31 -10.25 -4.87 -14.60
N LYS A 32 -9.17 -4.41 -15.23
CA LYS A 32 -8.09 -5.28 -15.65
C LYS A 32 -7.37 -5.90 -14.46
N GLN A 33 -6.83 -7.10 -14.65
CA GLN A 33 -6.14 -7.80 -13.56
C GLN A 33 -4.73 -7.25 -13.38
N THR A 34 -4.33 -7.06 -12.13
CA THR A 34 -2.99 -6.60 -11.79
C THR A 34 -2.45 -7.35 -10.57
N GLU A 35 -1.20 -7.08 -10.21
CA GLU A 35 -0.60 -7.66 -9.00
C GLU A 35 -0.50 -6.62 -7.89
N SER A 36 -1.35 -5.59 -7.96
CA SER A 36 -1.40 -4.57 -6.90
C SER A 36 -2.84 -4.30 -6.47
N CYS A 37 -3.02 -3.52 -5.41
CA CYS A 37 -4.36 -3.30 -4.86
C CYS A 37 -5.26 -2.55 -5.87
N GLY A 38 -4.67 -1.72 -6.72
CA GLY A 38 -5.37 -1.16 -7.87
C GLY A 38 -5.59 0.34 -7.82
N LEU A 39 -5.82 0.87 -6.62
CA LEU A 39 -6.04 2.29 -6.45
C LEU A 39 -4.95 2.90 -5.60
N ALA A 40 -4.96 4.21 -5.50
CA ALA A 40 -4.05 4.94 -4.62
C ALA A 40 -4.74 6.20 -4.13
N ALA A 41 -4.36 6.65 -2.94
CA ALA A 41 -4.90 7.90 -2.41
C ALA A 41 -3.87 8.54 -1.48
N ASN A 42 -3.86 9.87 -1.45
CA ASN A 42 -3.13 10.57 -0.41
C ASN A 42 -4.14 11.44 0.34
N THR A 43 -3.70 12.52 0.99
CA THR A 43 -4.62 13.28 1.82
C THR A 43 -5.59 14.12 0.99
N GLU A 44 -5.34 14.24 -0.31
CA GLU A 44 -6.10 15.14 -1.17
C GLU A 44 -6.74 14.43 -2.36
N TYR A 45 -6.05 13.46 -2.94
CA TYR A 45 -6.45 12.88 -4.22
C TYR A 45 -6.65 11.37 -4.16
N ILE A 46 -7.44 10.88 -5.10
CA ILE A 46 -7.59 9.46 -5.36
C ILE A 46 -7.10 9.20 -6.79
N ALA A 47 -6.29 8.16 -6.97
CA ALA A 47 -5.89 7.74 -8.31
C ALA A 47 -6.59 6.43 -8.64
N ALA A 48 -7.22 6.38 -9.82
CA ALA A 48 -7.88 5.15 -10.26
C ALA A 48 -7.67 4.95 -11.76
N PRO A 49 -7.03 3.84 -12.16
CA PRO A 49 -6.90 3.54 -13.59
C PRO A 49 -8.25 3.60 -14.32
N TRP A 50 -8.26 4.29 -15.46
CA TRP A 50 -9.48 4.59 -16.18
C TRP A 50 -9.75 3.52 -17.23
N ASP A 51 -11.02 3.36 -17.60
CA ASP A 51 -11.41 2.39 -18.61
C ASP A 51 -11.30 3.00 -20.00
N VAL A 52 -10.11 2.89 -20.59
CA VAL A 52 -9.85 3.46 -21.90
C VAL A 52 -9.16 2.42 -22.79
N GLY A 53 -9.35 2.56 -24.09
CA GLY A 53 -8.62 1.76 -25.04
C GLY A 53 -7.23 2.34 -25.24
N GLY A 54 -6.25 1.48 -25.47
CA GLY A 54 -4.90 1.92 -25.73
C GLY A 54 -4.12 2.16 -24.45
N GLY A 55 -3.29 3.20 -24.45
CA GLY A 55 -2.41 3.48 -23.33
C GLY A 55 -3.15 3.68 -22.02
N GLY A 56 -2.51 3.31 -20.92
CA GLY A 56 -3.12 3.43 -19.62
C GLY A 56 -3.37 4.89 -19.26
N VAL A 57 -4.53 5.12 -18.64
CA VAL A 57 -4.89 6.46 -18.16
C VAL A 57 -5.29 6.34 -16.72
N LEU A 58 -4.80 7.29 -15.94
CA LEU A 58 -5.15 7.41 -14.53
C LEU A 58 -6.18 8.53 -14.36
N GLY A 59 -7.29 8.21 -13.72
CA GLY A 59 -8.23 9.23 -13.28
C GLY A 59 -7.77 9.77 -11.95
N ILE A 60 -7.80 11.09 -11.80
CA ILE A 60 -7.43 11.74 -10.55
C ILE A 60 -8.62 12.51 -10.00
N LEU A 61 -9.12 12.04 -8.85
CA LEU A 61 -10.27 12.62 -8.18
C LEU A 61 -9.82 13.32 -6.92
N ARG A 62 -10.55 14.34 -6.49
CA ARG A 62 -10.32 14.90 -5.16
C ARG A 62 -11.10 14.09 -4.14
N LEU A 63 -10.40 13.69 -3.09
CA LEU A 63 -10.99 12.90 -2.00
C LEU A 63 -12.24 13.56 -1.44
N ALA A 64 -12.22 14.89 -1.34
CA ALA A 64 -13.30 15.64 -0.72
C ALA A 64 -14.53 15.75 -1.63
N ASP A 65 -14.33 15.64 -2.94
CA ASP A 65 -15.41 15.87 -3.89
C ASP A 65 -16.17 14.58 -4.19
N ILE A 66 -16.85 14.07 -3.18
CA ILE A 66 -17.61 12.85 -3.30
C ILE A 66 -18.93 13.14 -4.01
N GLY A 67 -19.50 12.13 -4.65
CA GLY A 67 -20.78 12.26 -5.33
C GLY A 67 -20.74 11.82 -6.78
N ARG A 68 -21.78 12.21 -7.51
CA ARG A 68 -21.97 11.79 -8.89
C ARG A 68 -21.10 12.60 -9.85
N ASN A 69 -20.62 11.92 -10.89
CA ASN A 69 -19.82 12.50 -11.97
C ASN A 69 -18.86 13.58 -11.49
N PRO A 70 -17.94 13.21 -10.58
CA PRO A 70 -16.97 14.17 -10.04
C PRO A 70 -15.96 14.60 -11.11
N ALA A 71 -15.24 15.68 -10.85
CA ALA A 71 -14.21 16.15 -11.77
C ALA A 71 -13.05 15.15 -11.80
N VAL A 72 -12.83 14.54 -12.94
CA VAL A 72 -11.75 13.59 -13.12
C VAL A 72 -10.67 14.18 -14.01
N ALA A 73 -9.54 14.54 -13.41
CA ALA A 73 -8.37 14.94 -14.16
C ALA A 73 -7.74 13.68 -14.75
N LYS A 74 -6.90 13.83 -15.77
CA LYS A 74 -6.35 12.68 -16.48
C LYS A 74 -4.83 12.68 -16.54
N ILE A 75 -4.24 11.53 -16.28
CA ILE A 75 -2.82 11.33 -16.48
C ILE A 75 -2.65 10.28 -17.58
N LYS A 76 -2.00 10.66 -18.67
CA LYS A 76 -1.81 9.78 -19.82
C LYS A 76 -0.34 9.32 -19.89
N GLY A 77 0.33 9.52 -21.02
CA GLY A 77 1.75 9.18 -21.12
C GLY A 77 2.03 7.70 -21.31
N HIS A 78 1.38 6.87 -20.51
CA HIS A 78 1.54 5.41 -20.60
C HIS A 78 1.17 4.90 -21.99
N THR A 79 1.89 3.87 -22.45
CA THR A 79 1.62 3.27 -23.75
C THR A 79 1.01 1.87 -23.57
N ALA A 80 0.94 1.42 -22.33
CA ALA A 80 0.26 0.17 -21.99
C ALA A 80 -0.47 0.33 -20.67
N SER A 81 -0.96 -0.77 -20.11
N SER A 81 -0.97 -0.76 -20.10
CA SER A 81 -1.81 -0.71 -18.92
CA SER A 81 -1.80 -0.69 -18.91
C SER A 81 -1.04 -0.36 -17.66
C SER A 81 -0.99 -0.34 -17.67
N ILE A 82 -1.72 0.28 -16.72
N ILE A 82 -1.67 0.30 -16.71
CA ILE A 82 -1.15 0.61 -15.43
CA ILE A 82 -1.07 0.65 -15.44
C ILE A 82 -1.14 -0.61 -14.53
C ILE A 82 -1.14 -0.53 -14.48
N GLN A 83 0.01 -0.93 -13.94
CA GLN A 83 0.10 -2.07 -13.04
C GLN A 83 0.12 -1.69 -11.56
N ASP A 84 0.61 -0.50 -11.26
CA ASP A 84 0.67 -0.03 -9.89
C ASP A 84 0.75 1.48 -9.85
N THR A 85 0.23 2.06 -8.79
CA THR A 85 0.23 3.51 -8.61
C THR A 85 0.47 3.78 -7.13
N ASN A 86 1.28 4.78 -6.82
CA ASN A 86 1.48 5.19 -5.42
C ASN A 86 1.83 6.67 -5.33
N PHE A 87 1.11 7.38 -4.48
CA PHE A 87 1.46 8.75 -4.15
C PHE A 87 2.71 8.81 -3.29
N SER A 88 3.46 9.90 -3.42
CA SER A 88 4.59 10.15 -2.53
C SER A 88 4.11 10.24 -1.09
N PRO A 89 4.94 9.76 -0.15
CA PRO A 89 4.56 9.94 1.26
C PRO A 89 4.65 11.37 1.76
N PHE A 90 5.30 12.24 0.99
CA PHE A 90 5.64 13.58 1.47
C PHE A 90 5.05 14.72 0.66
N TYR A 91 5.01 14.55 -0.66
CA TYR A 91 4.68 15.63 -1.57
C TYR A 91 3.33 15.37 -2.22
N ARG A 92 2.38 16.24 -1.89
CA ARG A 92 0.99 16.04 -2.23
C ARG A 92 0.71 15.91 -3.74
N ASP A 93 1.59 16.53 -4.53
CA ASP A 93 1.37 16.62 -5.97
C ASP A 93 2.17 15.56 -6.75
N ILE A 94 2.90 14.71 -6.04
CA ILE A 94 3.80 13.74 -6.67
C ILE A 94 3.29 12.32 -6.54
N LEU A 95 3.31 11.59 -7.65
CA LEU A 95 2.97 10.18 -7.60
C LEU A 95 3.77 9.43 -8.66
N ALA A 96 3.77 8.11 -8.51
CA ALA A 96 4.45 7.24 -9.45
C ALA A 96 3.54 6.17 -10.00
N THR A 97 3.71 5.84 -11.28
CA THR A 97 3.02 4.71 -11.87
C THR A 97 4.03 3.72 -12.43
N ALA A 98 3.71 2.45 -12.31
CA ALA A 98 4.41 1.37 -12.99
C ALA A 98 3.55 0.91 -14.15
N CYS A 99 4.18 0.65 -15.29
CA CYS A 99 3.45 0.37 -16.51
C CYS A 99 3.91 -0.92 -17.19
N GLU A 100 2.99 -1.56 -17.90
CA GLU A 100 3.30 -2.77 -18.65
C GLU A 100 4.34 -2.51 -19.72
N ASP A 101 4.54 -1.25 -20.11
CA ASP A 101 5.53 -0.94 -21.14
C ASP A 101 6.94 -0.82 -20.56
N THR A 102 7.09 -1.24 -19.31
CA THR A 102 8.38 -1.38 -18.60
C THR A 102 8.90 -0.08 -17.99
N ILE A 103 8.15 1.01 -18.14
CA ILE A 103 8.59 2.32 -17.67
C ILE A 103 7.90 2.72 -16.37
N VAL A 104 8.68 3.23 -15.42
CA VAL A 104 8.15 3.86 -14.23
C VAL A 104 8.15 5.37 -14.47
N ARG A 105 7.00 6.00 -14.25
CA ARG A 105 6.84 7.42 -14.51
C ARG A 105 6.53 8.16 -13.21
N ILE A 106 7.23 9.26 -12.99
CA ILE A 106 6.97 10.14 -11.85
C ILE A 106 6.19 11.34 -12.36
N TRP A 107 5.07 11.62 -11.70
CA TRP A 107 4.16 12.66 -12.13
C TRP A 107 4.08 13.79 -11.11
N GLN A 108 3.90 15.02 -11.60
CA GLN A 108 3.65 16.18 -10.74
C GLN A 108 2.36 16.87 -11.14
N LEU A 109 1.34 16.75 -10.29
CA LEU A 109 0.06 17.41 -10.54
C LEU A 109 0.17 18.93 -10.41
N PRO A 110 -0.69 19.67 -11.13
CA PRO A 110 -0.68 21.13 -10.99
C PRO A 110 -1.19 21.55 -9.62
N GLU A 111 -1.02 22.82 -9.26
CA GLU A 111 -1.52 23.32 -7.99
C GLU A 111 -3.02 23.10 -7.87
N GLU A 112 -3.74 23.46 -8.94
CA GLU A 112 -5.19 23.29 -9.00
C GLU A 112 -5.57 22.17 -9.98
N VAL A 113 -6.12 21.09 -9.46
CA VAL A 113 -6.56 19.96 -10.27
C VAL A 113 -8.05 20.05 -10.56
N THR A 114 -8.41 20.22 -11.83
CA THR A 114 -9.80 20.32 -12.23
C THR A 114 -10.14 19.20 -13.23
N GLY A 115 -11.38 19.19 -13.69
CA GLY A 115 -11.83 18.18 -14.63
C GLY A 115 -11.22 18.32 -16.01
N THR A 116 -10.54 19.45 -16.26
CA THR A 116 -9.90 19.70 -17.55
C THR A 116 -8.38 19.56 -17.47
N THR A 117 -7.89 19.19 -16.30
CA THR A 117 -6.47 18.94 -16.10
C THR A 117 -6.04 17.67 -16.84
N GLU A 118 -4.97 17.79 -17.63
CA GLU A 118 -4.42 16.66 -18.37
C GLU A 118 -2.90 16.66 -18.23
N LEU A 119 -2.37 15.53 -17.75
CA LEU A 119 -0.94 15.31 -17.64
C LEU A 119 -0.46 14.32 -18.68
N LYS A 120 0.49 14.73 -19.51
CA LYS A 120 1.05 13.87 -20.54
C LYS A 120 2.53 13.60 -20.33
N GLU A 121 3.24 14.58 -19.76
CA GLU A 121 4.69 14.46 -19.57
C GLU A 121 5.04 14.23 -18.10
N PRO A 122 5.69 13.09 -17.79
CA PRO A 122 6.20 12.91 -16.43
C PRO A 122 7.36 13.85 -16.12
N ILE A 123 7.58 14.15 -14.85
CA ILE A 123 8.74 14.96 -14.47
C ILE A 123 10.00 14.10 -14.44
N ALA A 124 9.81 12.78 -14.35
CA ALA A 124 10.91 11.83 -14.45
C ALA A 124 10.42 10.54 -15.10
N THR A 125 11.19 10.04 -16.05
CA THR A 125 10.88 8.82 -16.76
C THR A 125 12.00 7.81 -16.48
N LEU A 126 11.68 6.77 -15.71
CA LEU A 126 12.67 5.82 -15.21
C LEU A 126 12.66 4.55 -16.06
N THR A 127 13.68 4.41 -16.89
CA THR A 127 13.74 3.36 -17.91
C THR A 127 14.78 2.30 -17.55
N GLY A 128 14.65 1.11 -18.14
CA GLY A 128 15.66 0.08 -18.02
C GLY A 128 15.13 -1.31 -17.74
N ALA A 129 13.95 -1.39 -17.12
CA ALA A 129 13.32 -2.67 -16.83
C ALA A 129 13.07 -3.41 -18.13
N LEU A 130 13.33 -4.72 -18.15
CA LEU A 130 13.24 -5.50 -19.37
C LEU A 130 11.85 -6.09 -19.62
N LYS A 131 11.03 -6.17 -18.58
CA LYS A 131 9.66 -6.64 -18.73
C LYS A 131 8.72 -5.74 -17.94
N LYS A 132 7.43 -6.05 -17.97
CA LYS A 132 6.46 -5.18 -17.30
C LYS A 132 6.81 -4.98 -15.84
N VAL A 133 6.62 -3.74 -15.38
CA VAL A 133 6.89 -3.39 -14.01
C VAL A 133 5.60 -3.50 -13.21
N LEU A 134 5.68 -4.16 -12.07
CA LEU A 134 4.50 -4.57 -11.33
C LEU A 134 4.29 -3.81 -10.02
N SER A 135 5.31 -3.08 -9.59
CA SER A 135 5.19 -2.29 -8.39
C SER A 135 6.06 -1.06 -8.45
N ALA A 136 5.65 -0.02 -7.73
CA ALA A 136 6.43 1.19 -7.58
C ALA A 136 6.12 1.72 -6.19
N GLU A 137 7.08 1.55 -5.28
CA GLU A 137 6.89 1.88 -3.87
C GLU A 137 7.91 2.90 -3.36
N TRP A 138 7.40 3.97 -2.76
CA TRP A 138 8.23 5.02 -2.21
C TRP A 138 8.75 4.64 -0.83
N ASN A 139 10.02 4.97 -0.60
CA ASN A 139 10.60 4.86 0.72
C ASN A 139 9.83 5.76 1.70
N PRO A 140 9.42 5.21 2.84
CA PRO A 140 8.59 5.99 3.78
C PRO A 140 9.38 7.00 4.61
N ALA A 141 10.71 6.96 4.55
CA ALA A 141 11.53 7.85 5.37
C ALA A 141 12.40 8.79 4.55
N VAL A 142 12.68 8.40 3.31
CA VAL A 142 13.66 9.10 2.50
C VAL A 142 13.05 9.66 1.24
N SER A 143 13.22 10.96 1.07
N SER A 143 13.22 10.96 1.05
CA SER A 143 12.80 11.65 -0.14
CA SER A 143 12.71 11.61 -0.14
C SER A 143 13.52 11.08 -1.36
C SER A 143 13.51 11.16 -1.35
N GLY A 144 12.79 10.91 -2.45
CA GLY A 144 13.41 10.62 -3.72
C GLY A 144 13.80 9.18 -3.97
N ILE A 145 13.58 8.30 -3.00
CA ILE A 145 13.96 6.90 -3.14
C ILE A 145 12.73 6.04 -3.42
N LEU A 146 12.81 5.24 -4.47
CA LEU A 146 11.71 4.40 -4.90
C LEU A 146 12.21 3.02 -5.29
N ALA A 147 11.41 1.98 -5.01
CA ALA A 147 11.72 0.63 -5.46
C ALA A 147 10.68 0.15 -6.48
N SER A 148 11.14 -0.49 -7.54
CA SER A 148 10.23 -1.03 -8.55
C SER A 148 10.52 -2.50 -8.78
N GLY A 149 9.45 -3.30 -8.77
CA GLY A 149 9.55 -4.73 -8.98
C GLY A 149 9.09 -5.10 -10.37
N CYS A 150 9.88 -5.94 -11.04
CA CYS A 150 9.67 -6.29 -12.43
C CYS A 150 9.20 -7.73 -12.55
N PHE A 151 8.40 -8.00 -13.58
CA PHE A 151 7.92 -9.35 -13.85
C PHE A 151 9.07 -10.34 -14.07
N ASP A 152 10.25 -9.83 -14.42
CA ASP A 152 11.40 -10.71 -14.71
C ASP A 152 12.19 -11.08 -13.45
N GLY A 153 11.75 -10.57 -12.30
CA GLY A 153 12.35 -10.89 -11.02
C GLY A 153 13.29 -9.83 -10.45
N THR A 154 13.47 -8.75 -11.20
CA THR A 154 14.36 -7.67 -10.76
C THR A 154 13.66 -6.68 -9.84
N VAL A 155 14.31 -6.37 -8.73
CA VAL A 155 13.92 -5.22 -7.92
C VAL A 155 14.92 -4.12 -8.20
N ALA A 156 14.44 -3.00 -8.71
CA ALA A 156 15.28 -1.87 -9.08
C ALA A 156 15.06 -0.72 -8.12
N PHE A 157 16.16 -0.19 -7.58
CA PHE A 157 16.07 0.94 -6.66
C PHE A 157 16.52 2.22 -7.35
N TRP A 158 15.68 3.25 -7.22
CA TRP A 158 15.84 4.49 -7.96
C TRP A 158 16.00 5.69 -7.06
N ASN A 159 16.96 6.55 -7.39
CA ASN A 159 17.01 7.91 -6.88
C ASN A 159 16.33 8.80 -7.92
N VAL A 160 15.07 9.13 -7.71
CA VAL A 160 14.30 9.81 -8.75
C VAL A 160 14.86 11.19 -9.06
N GLU A 161 15.45 11.83 -8.05
CA GLU A 161 16.04 13.16 -8.21
C GLU A 161 17.13 13.15 -9.27
N LYS A 162 17.96 12.12 -9.25
CA LYS A 162 19.09 11.99 -10.16
C LYS A 162 18.78 11.12 -11.37
N ASN A 163 17.57 10.57 -11.41
CA ASN A 163 17.20 9.58 -12.42
C ASN A 163 18.26 8.48 -12.46
N GLU A 164 18.56 7.95 -11.28
CA GLU A 164 19.64 6.97 -11.12
C GLU A 164 19.13 5.66 -10.52
N ASN A 165 19.28 4.59 -11.29
CA ASN A 165 19.04 3.23 -10.80
C ASN A 165 20.29 2.77 -10.06
N PHE A 166 20.35 3.06 -8.77
CA PHE A 166 21.62 2.95 -8.04
C PHE A 166 21.91 1.54 -7.54
N ALA A 167 20.88 0.69 -7.54
CA ALA A 167 21.06 -0.70 -7.13
C ALA A 167 19.94 -1.54 -7.71
N SER A 168 20.26 -2.79 -8.02
CA SER A 168 19.27 -3.73 -8.52
C SER A 168 19.59 -5.10 -7.97
N VAL A 169 18.55 -5.88 -7.73
CA VAL A 169 18.72 -7.26 -7.29
C VAL A 169 17.74 -8.10 -8.10
N LYS A 170 18.25 -9.17 -8.71
CA LYS A 170 17.41 -10.02 -9.55
C LYS A 170 17.24 -11.43 -8.99
N PHE A 171 15.98 -11.79 -8.77
CA PHE A 171 15.60 -13.14 -8.41
C PHE A 171 15.26 -13.93 -9.66
N GLN A 172 15.22 -15.25 -9.54
CA GLN A 172 14.99 -16.12 -10.68
C GLN A 172 13.53 -16.13 -11.13
N GLU A 173 12.61 -15.84 -10.22
CA GLU A 173 11.18 -15.90 -10.53
C GLU A 173 10.51 -14.53 -10.39
N SER A 174 9.33 -14.40 -10.98
CA SER A 174 8.63 -13.11 -11.03
C SER A 174 8.30 -12.58 -9.64
N LEU A 175 8.35 -11.26 -9.49
CA LEU A 175 7.92 -10.61 -8.26
C LEU A 175 6.40 -10.54 -8.15
N LEU A 176 5.89 -10.66 -6.93
CA LEU A 176 4.45 -10.63 -6.67
C LEU A 176 4.09 -9.51 -5.70
N SER A 177 5.07 -9.08 -4.91
CA SER A 177 4.88 -7.91 -4.05
C SER A 177 6.24 -7.38 -3.59
N ALA A 178 6.27 -6.10 -3.26
CA ALA A 178 7.48 -5.46 -2.77
C ALA A 178 7.08 -4.31 -1.87
N LYS A 179 7.60 -4.31 -0.64
CA LYS A 179 7.21 -3.32 0.36
C LYS A 179 8.42 -2.88 1.18
N TRP A 180 8.43 -1.62 1.59
CA TRP A 180 9.48 -1.06 2.43
C TRP A 180 9.20 -1.20 3.93
N SER A 181 10.25 -1.49 4.69
CA SER A 181 10.22 -1.34 6.14
C SER A 181 9.91 0.09 6.54
N TRP A 182 9.21 0.29 7.64
CA TRP A 182 8.96 1.63 8.15
C TRP A 182 10.25 2.31 8.64
N LYS A 183 11.30 1.51 8.81
CA LYS A 183 12.62 2.05 9.13
C LYS A 183 13.28 2.65 7.88
N GLY A 184 12.80 2.23 6.72
CA GLY A 184 13.29 2.74 5.45
C GLY A 184 14.58 2.11 4.96
N ASP A 185 15.05 1.07 5.63
CA ASP A 185 16.37 0.51 5.28
C ASP A 185 16.28 -0.75 4.44
N LEU A 186 15.21 -1.52 4.65
CA LEU A 186 15.06 -2.82 3.99
C LEU A 186 13.78 -2.89 3.19
N LEU A 187 13.82 -3.71 2.14
CA LEU A 187 12.67 -4.02 1.32
C LEU A 187 12.37 -5.50 1.49
N ALA A 188 11.09 -5.85 1.51
CA ALA A 188 10.68 -7.25 1.48
C ALA A 188 9.90 -7.48 0.21
N CYS A 189 10.11 -8.64 -0.40
CA CYS A 189 9.37 -8.99 -1.60
C CYS A 189 9.05 -10.48 -1.63
N THR A 190 7.96 -10.82 -2.32
CA THR A 190 7.61 -12.20 -2.56
C THR A 190 7.82 -12.51 -4.03
N THR A 191 8.20 -13.75 -4.32
CA THR A 191 8.39 -14.19 -5.69
C THR A 191 7.59 -15.46 -5.94
N LYS A 192 7.48 -15.80 -7.22
CA LYS A 192 6.63 -16.91 -7.65
C LYS A 192 7.16 -18.27 -7.18
N ASP A 193 8.42 -18.32 -6.76
CA ASP A 193 8.98 -19.56 -6.21
C ASP A 193 8.58 -19.74 -4.74
N LYS A 194 7.63 -18.94 -4.28
CA LYS A 194 7.05 -19.05 -2.93
C LYS A 194 8.01 -18.56 -1.86
N ALA A 195 8.96 -17.71 -2.26
CA ALA A 195 9.96 -17.20 -1.35
C ALA A 195 9.60 -15.79 -0.90
N LEU A 196 9.90 -15.52 0.37
CA LEU A 196 9.92 -14.17 0.90
C LEU A 196 11.38 -13.75 1.01
N ASN A 197 11.73 -12.65 0.36
CA ASN A 197 13.11 -12.18 0.29
C ASN A 197 13.26 -10.82 0.93
N ILE A 198 14.33 -10.64 1.70
CA ILE A 198 14.66 -9.37 2.31
C ILE A 198 15.87 -8.77 1.59
N VAL A 199 15.75 -7.50 1.21
CA VAL A 199 16.77 -6.84 0.40
C VAL A 199 17.27 -5.57 1.06
N ASP A 200 18.60 -5.43 1.11
CA ASP A 200 19.25 -4.21 1.58
C ASP A 200 19.76 -3.43 0.35
N PRO A 201 19.06 -2.35 -0.03
CA PRO A 201 19.46 -1.66 -1.26
C PRO A 201 20.79 -0.93 -1.16
N ARG A 202 21.12 -0.38 0.00
CA ARG A 202 22.37 0.34 0.15
C ARG A 202 23.58 -0.61 0.09
N ALA A 203 23.35 -1.87 0.40
CA ALA A 203 24.38 -2.90 0.29
C ALA A 203 24.24 -3.67 -1.01
N ALA A 204 23.12 -3.44 -1.70
CA ALA A 204 22.79 -4.12 -2.94
C ALA A 204 22.85 -5.64 -2.79
N GLN A 205 22.26 -6.16 -1.72
CA GLN A 205 22.32 -7.60 -1.46
C GLN A 205 21.06 -8.14 -0.81
N VAL A 206 20.82 -9.42 -1.06
CA VAL A 206 19.74 -10.16 -0.42
C VAL A 206 20.24 -10.61 0.94
N VAL A 207 19.58 -10.14 1.99
CA VAL A 207 20.03 -10.42 3.35
C VAL A 207 19.16 -11.46 4.05
N GLY A 208 18.21 -12.02 3.33
CA GLY A 208 17.42 -13.11 3.89
C GLY A 208 16.45 -13.68 2.88
N SER A 209 16.21 -14.98 2.97
CA SER A 209 15.21 -15.60 2.11
C SER A 209 14.67 -16.86 2.75
N VAL A 210 13.35 -17.05 2.65
CA VAL A 210 12.71 -18.22 3.22
C VAL A 210 11.46 -18.60 2.43
N ALA A 211 11.18 -19.89 2.36
CA ALA A 211 9.94 -20.37 1.77
C ALA A 211 8.81 -19.97 2.73
N CYS A 212 7.92 -19.08 2.30
CA CYS A 212 6.95 -18.51 3.24
C CYS A 212 5.61 -19.25 3.26
N HIS A 213 5.19 -19.80 2.11
CA HIS A 213 3.98 -20.61 2.04
C HIS A 213 4.13 -21.70 0.98
N ASP A 214 3.47 -22.84 1.19
CA ASP A 214 3.78 -24.05 0.43
C ASP A 214 2.82 -24.29 -0.73
N GLY A 215 1.70 -23.58 -0.75
CA GLY A 215 0.75 -23.67 -1.85
C GLY A 215 1.31 -23.01 -3.10
N SER A 216 0.55 -23.07 -4.20
CA SER A 216 1.04 -22.61 -5.49
C SER A 216 0.73 -21.15 -5.78
N LYS A 217 -0.44 -20.68 -5.35
CA LYS A 217 -0.90 -19.34 -5.70
C LYS A 217 -0.07 -18.25 -4.99
N ALA A 218 -0.37 -17.01 -5.29
CA ALA A 218 0.52 -15.89 -4.99
C ALA A 218 0.59 -15.50 -3.51
N CYS A 219 1.81 -15.39 -3.02
N CYS A 219 1.80 -15.38 -2.99
CA CYS A 219 2.08 -14.84 -1.69
CA CYS A 219 1.99 -14.85 -1.64
C CYS A 219 2.25 -13.32 -1.77
C CYS A 219 2.32 -13.37 -1.71
N LYS A 220 1.85 -12.63 -0.71
CA LYS A 220 1.96 -11.17 -0.67
C LYS A 220 2.54 -10.80 0.69
N CYS A 221 3.28 -9.71 0.76
CA CYS A 221 3.86 -9.30 2.03
C CYS A 221 3.66 -7.82 2.32
N THR A 222 3.85 -7.48 3.58
CA THR A 222 4.03 -6.10 3.99
C THR A 222 4.80 -6.11 5.31
N TRP A 223 5.39 -4.98 5.68
CA TRP A 223 6.12 -4.89 6.93
C TRP A 223 5.17 -4.59 8.07
N ILE A 224 5.48 -5.10 9.25
CA ILE A 224 4.71 -4.82 10.44
C ILE A 224 5.65 -4.40 11.57
N ASP A 225 6.53 -3.45 11.25
CA ASP A 225 7.33 -2.74 12.25
C ASP A 225 6.63 -1.39 12.52
N GLY A 226 7.36 -0.28 12.53
CA GLY A 226 6.75 0.98 12.87
C GLY A 226 6.33 1.06 14.34
N LEU A 227 5.43 1.99 14.64
CA LEU A 227 5.10 2.33 16.02
C LEU A 227 4.42 1.19 16.78
N ALA A 228 3.46 0.54 16.13
CA ALA A 228 2.65 -0.48 16.79
C ALA A 228 3.22 -1.86 16.58
N GLY A 229 4.12 -1.99 15.61
CA GLY A 229 4.65 -3.29 15.23
C GLY A 229 5.87 -3.71 16.01
N ARG A 230 6.69 -4.55 15.40
CA ARG A 230 7.93 -5.02 16.02
C ARG A 230 9.07 -4.90 15.03
N ASP A 231 10.22 -4.42 15.50
N ASP A 231 10.21 -4.41 15.51
CA ASP A 231 11.35 -4.13 14.62
CA ASP A 231 11.38 -4.15 14.67
C ASP A 231 11.71 -5.36 13.80
C ASP A 231 11.72 -5.36 13.80
N GLY A 232 11.89 -5.14 12.50
CA GLY A 232 12.32 -6.18 11.60
C GLY A 232 11.32 -7.28 11.33
N HIS A 233 10.06 -7.07 11.70
CA HIS A 233 9.03 -8.07 11.46
C HIS A 233 8.28 -7.81 10.15
N VAL A 234 7.99 -8.90 9.45
CA VAL A 234 7.31 -8.89 8.15
C VAL A 234 6.11 -9.82 8.22
N PHE A 235 5.05 -9.47 7.51
CA PHE A 235 3.81 -10.25 7.48
C PHE A 235 3.57 -10.78 6.08
N THR A 236 3.22 -12.07 5.95
CA THR A 236 2.87 -12.61 4.63
C THR A 236 1.50 -13.26 4.64
N THR A 237 0.85 -13.21 3.48
CA THR A 237 -0.31 -14.04 3.17
C THR A 237 0.07 -14.99 2.07
N GLY A 238 -0.61 -16.11 2.00
CA GLY A 238 -0.33 -17.08 0.97
C GLY A 238 -1.25 -18.26 1.09
N PHE A 239 -0.83 -19.37 0.51
CA PHE A 239 -1.66 -20.56 0.46
C PHE A 239 -0.91 -21.76 1.03
N GLY A 240 -1.62 -22.59 1.77
CA GLY A 240 -1.06 -23.81 2.31
C GLY A 240 -1.03 -24.90 1.26
N LYS A 241 -0.50 -26.06 1.64
CA LYS A 241 -0.36 -27.20 0.72
C LYS A 241 -1.72 -27.63 0.16
N MET A 242 -2.77 -27.37 0.92
CA MET A 242 -4.13 -27.72 0.50
C MET A 242 -4.84 -26.52 -0.10
N GLN A 243 -4.06 -25.50 -0.46
CA GLN A 243 -4.56 -24.28 -1.10
C GLN A 243 -5.52 -23.47 -0.24
N GLU A 244 -5.47 -23.67 1.08
CA GLU A 244 -6.21 -22.81 2.00
C GLU A 244 -5.45 -21.50 2.17
N ARG A 245 -6.16 -20.41 2.45
CA ARG A 245 -5.50 -19.12 2.65
C ARG A 245 -4.99 -19.02 4.09
N GLU A 246 -3.76 -18.57 4.24
CA GLU A 246 -3.10 -18.53 5.53
C GLU A 246 -2.17 -17.33 5.63
N MET A 247 -1.63 -17.13 6.82
N MET A 247 -1.59 -17.12 6.80
CA MET A 247 -0.80 -15.98 7.15
CA MET A 247 -0.72 -15.99 7.03
C MET A 247 0.43 -16.40 7.93
C MET A 247 0.39 -16.34 7.98
N ALA A 248 1.43 -15.52 7.97
CA ALA A 248 2.58 -15.73 8.83
C ALA A 248 3.24 -14.42 9.22
N ILE A 249 3.79 -14.41 10.43
CA ILE A 249 4.64 -13.32 10.90
C ILE A 249 6.07 -13.83 10.95
N TRP A 250 6.99 -13.03 10.42
CA TRP A 250 8.40 -13.39 10.34
C TRP A 250 9.24 -12.35 11.03
N ASP A 251 10.27 -12.84 11.70
CA ASP A 251 11.32 -12.02 12.29
C ASP A 251 12.54 -12.14 11.39
N THR A 252 12.92 -11.04 10.73
CA THR A 252 14.01 -11.10 9.76
C THR A 252 15.37 -11.34 10.40
N ARG A 253 15.43 -11.29 11.73
CA ARG A 253 16.66 -11.59 12.46
C ARG A 253 16.73 -13.06 12.90
N LYS A 254 15.59 -13.75 12.80
CA LYS A 254 15.45 -15.17 13.09
C LYS A 254 14.56 -15.78 12.02
N PHE A 255 15.08 -15.82 10.80
CA PHE A 255 14.28 -15.90 9.58
C PHE A 255 14.16 -17.33 9.05
N ASP A 256 14.15 -18.31 9.95
CA ASP A 256 14.13 -19.71 9.55
C ASP A 256 12.73 -20.32 9.61
N LYS A 257 11.88 -19.71 10.43
CA LYS A 257 10.53 -20.22 10.63
C LYS A 257 9.65 -19.07 11.08
N PRO A 258 8.34 -19.18 10.84
CA PRO A 258 7.44 -18.11 11.30
C PRO A 258 7.50 -17.95 12.81
N VAL A 259 7.31 -16.71 13.26
CA VAL A 259 7.07 -16.42 14.67
C VAL A 259 5.65 -16.85 15.00
N TYR A 260 4.77 -16.70 14.02
CA TYR A 260 3.37 -17.01 14.14
C TYR A 260 2.82 -17.43 12.78
N HIS A 261 1.95 -18.44 12.76
CA HIS A 261 1.35 -18.92 11.51
C HIS A 261 -0.08 -19.33 11.80
N ALA A 262 -1.00 -18.96 10.91
CA ALA A 262 -2.41 -19.33 11.08
C ALA A 262 -3.16 -19.40 9.77
N GLU A 263 -4.13 -20.31 9.72
CA GLU A 263 -5.07 -20.38 8.61
C GLU A 263 -6.04 -19.20 8.69
N ILE A 264 -6.44 -18.69 7.52
CA ILE A 264 -7.43 -17.62 7.45
C ILE A 264 -8.78 -18.17 7.02
N ASP A 265 -8.83 -18.75 5.82
CA ASP A 265 -10.06 -19.33 5.29
C ASP A 265 -9.79 -20.16 4.03
N ARG A 266 -10.85 -20.53 3.30
CA ARG A 266 -10.72 -21.32 2.08
C ARG A 266 -11.10 -20.52 0.83
N GLY A 267 -10.76 -19.23 0.81
CA GLY A 267 -10.98 -18.39 -0.34
C GLY A 267 -9.98 -18.67 -1.44
N SER A 268 -10.13 -18.00 -2.58
CA SER A 268 -9.33 -18.29 -3.77
C SER A 268 -8.39 -17.15 -4.16
N SER A 269 -8.78 -15.92 -3.81
CA SER A 269 -7.99 -14.75 -4.19
C SER A 269 -6.78 -14.54 -3.30
N PRO A 270 -5.63 -14.21 -3.90
CA PRO A 270 -4.53 -13.76 -3.05
C PRO A 270 -4.96 -12.58 -2.17
N LEU A 271 -4.44 -12.54 -0.96
CA LEU A 271 -4.80 -11.52 0.01
C LEU A 271 -3.72 -10.45 0.11
N TYR A 272 -4.14 -9.20 -0.11
CA TYR A 272 -3.27 -8.04 0.09
C TYR A 272 -3.35 -7.61 1.54
N PRO A 273 -2.20 -7.65 2.24
CA PRO A 273 -2.15 -7.14 3.62
C PRO A 273 -1.88 -5.64 3.66
N ILE A 274 -2.68 -4.92 4.47
CA ILE A 274 -2.52 -3.49 4.69
C ILE A 274 -2.29 -3.24 6.16
N PHE A 275 -1.13 -2.68 6.51
CA PHE A 275 -0.79 -2.42 7.91
C PHE A 275 -0.91 -0.94 8.25
N ASP A 276 -1.68 -0.67 9.30
CA ASP A 276 -1.75 0.64 9.94
C ASP A 276 -0.66 0.63 11.02
N GLU A 277 0.49 1.21 10.70
CA GLU A 277 1.66 1.13 11.57
C GLU A 277 1.43 1.87 12.89
N THR A 278 0.42 2.75 12.90
CA THR A 278 0.19 3.64 14.03
C THR A 278 -0.67 2.99 15.12
N THR A 279 -1.64 2.16 14.72
CA THR A 279 -2.51 1.46 15.67
C THR A 279 -2.26 -0.04 15.72
N GLY A 280 -1.63 -0.58 14.69
CA GLY A 280 -1.43 -2.01 14.58
C GLY A 280 -2.54 -2.77 13.87
N MET A 281 -3.54 -2.05 13.35
CA MET A 281 -4.59 -2.70 12.56
C MET A 281 -3.98 -3.27 11.30
N LEU A 282 -4.40 -4.49 10.98
CA LEU A 282 -3.87 -5.22 9.83
C LEU A 282 -5.05 -5.77 9.03
N TYR A 283 -5.25 -5.21 7.84
CA TYR A 283 -6.37 -5.60 6.98
C TYR A 283 -5.87 -6.57 5.91
N VAL A 284 -6.65 -7.62 5.63
CA VAL A 284 -6.33 -8.53 4.53
C VAL A 284 -7.49 -8.54 3.56
N CYS A 285 -7.22 -8.09 2.33
N CYS A 285 -7.18 -8.12 2.33
CA CYS A 285 -8.26 -7.90 1.33
CA CYS A 285 -8.18 -7.87 1.31
C CYS A 285 -7.92 -8.58 0.02
C CYS A 285 -7.87 -8.66 0.04
N GLY A 286 -8.86 -9.41 -0.44
CA GLY A 286 -8.72 -10.13 -1.69
C GLY A 286 -9.56 -9.52 -2.80
N LYS A 287 -8.94 -9.20 -3.92
CA LYS A 287 -9.69 -8.75 -5.09
C LYS A 287 -10.64 -9.84 -5.54
N GLY A 288 -11.89 -9.49 -5.76
CA GLY A 288 -12.92 -10.45 -6.13
C GLY A 288 -13.72 -10.94 -4.95
N ASP A 289 -13.18 -10.77 -3.74
CA ASP A 289 -13.89 -11.11 -2.51
C ASP A 289 -14.91 -10.01 -2.20
N SER A 290 -16.03 -10.39 -1.59
CA SER A 290 -17.02 -9.40 -1.17
C SER A 290 -16.83 -8.99 0.29
N SER A 291 -15.81 -9.54 0.94
CA SER A 291 -15.54 -9.22 2.34
C SER A 291 -14.05 -8.95 2.60
N CYS A 292 -13.77 -8.28 3.72
N CYS A 292 -13.79 -8.24 3.70
CA CYS A 292 -12.40 -7.98 4.13
CA CYS A 292 -12.45 -7.93 4.16
C CYS A 292 -12.28 -8.02 5.64
C CYS A 292 -12.39 -8.12 5.67
N ARG A 293 -11.43 -8.89 6.15
CA ARG A 293 -11.29 -9.07 7.59
C ARG A 293 -10.02 -8.40 8.11
N TYR A 294 -10.04 -8.07 9.39
CA TYR A 294 -8.92 -7.37 9.97
C TYR A 294 -8.59 -7.85 11.38
N TYR A 295 -7.34 -7.61 11.73
CA TYR A 295 -6.70 -8.07 12.94
C TYR A 295 -6.01 -6.88 13.58
N GLN A 296 -5.69 -6.96 14.86
CA GLN A 296 -4.74 -6.02 15.44
C GLN A 296 -3.48 -6.73 15.87
N TYR A 297 -2.36 -6.20 15.41
CA TYR A 297 -1.04 -6.61 15.87
C TYR A 297 -0.69 -5.70 17.04
N HIS A 298 -0.68 -6.26 18.25
CA HIS A 298 -0.51 -5.48 19.46
C HIS A 298 0.26 -6.27 20.47
N GLY A 299 1.28 -5.67 21.06
CA GLY A 299 2.09 -6.35 22.06
C GLY A 299 2.77 -7.58 21.49
N GLY A 300 2.99 -7.60 20.18
CA GLY A 300 3.65 -8.71 19.52
C GLY A 300 2.74 -9.87 19.21
N THR A 301 1.44 -9.69 19.48
CA THR A 301 0.44 -10.73 19.27
C THR A 301 -0.58 -10.27 18.24
N LEU A 302 -1.00 -11.19 17.36
CA LEU A 302 -2.04 -10.90 16.38
C LEU A 302 -3.38 -11.40 16.89
N ARG A 303 -4.38 -10.51 16.86
CA ARG A 303 -5.72 -10.85 17.35
C ARG A 303 -6.78 -10.48 16.31
N SER A 304 -7.70 -11.39 16.07
CA SER A 304 -8.83 -11.13 15.18
C SER A 304 -9.72 -10.07 15.82
N VAL A 305 -10.14 -9.10 15.03
CA VAL A 305 -11.05 -8.07 15.54
C VAL A 305 -12.43 -8.22 14.90
N ASP A 306 -12.52 -7.99 13.59
CA ASP A 306 -13.80 -8.06 12.91
C ASP A 306 -13.60 -8.14 11.40
N ALA A 307 -14.68 -7.91 10.67
CA ALA A 307 -14.62 -7.95 9.21
C ALA A 307 -15.64 -7.03 8.56
N TYR A 308 -15.28 -6.53 7.37
CA TYR A 308 -16.21 -5.87 6.48
C TYR A 308 -16.89 -6.93 5.63
N ARG A 309 -18.22 -6.87 5.53
CA ARG A 309 -18.96 -7.85 4.74
C ARG A 309 -19.96 -7.18 3.81
N SER A 310 -20.02 -7.64 2.56
CA SER A 310 -20.99 -7.14 1.61
C SER A 310 -21.38 -8.24 0.63
N SER A 311 -22.21 -7.88 -0.35
CA SER A 311 -22.59 -8.82 -1.40
C SER A 311 -22.08 -8.34 -2.77
N VAL A 312 -21.07 -7.48 -2.74
CA VAL A 312 -20.50 -6.91 -3.96
C VAL A 312 -18.98 -7.08 -3.91
N PRO A 313 -18.40 -7.74 -4.93
CA PRO A 313 -16.95 -7.98 -4.90
C PRO A 313 -16.10 -6.71 -4.91
N ILE A 314 -14.94 -6.79 -4.28
CA ILE A 314 -13.93 -5.75 -4.38
C ILE A 314 -13.19 -5.93 -5.70
N LYS A 315 -13.27 -4.94 -6.59
CA LYS A 315 -12.58 -5.04 -7.88
C LYS A 315 -11.14 -4.53 -7.76
N ASN A 316 -11.01 -3.37 -7.13
CA ASN A 316 -9.75 -2.77 -6.76
C ASN A 316 -9.95 -2.03 -5.46
N PHE A 317 -8.86 -1.66 -4.80
CA PHE A 317 -9.01 -0.90 -3.56
C PHE A 317 -7.73 -0.19 -3.17
N CYS A 318 -7.85 0.67 -2.17
CA CYS A 318 -6.71 1.21 -1.46
C CYS A 318 -7.22 1.72 -0.13
N PHE A 319 -6.30 2.09 0.75
CA PHE A 319 -6.64 2.74 2.00
C PHE A 319 -6.08 4.14 1.97
N ILE A 320 -6.70 5.05 2.71
CA ILE A 320 -6.24 6.43 2.74
C ILE A 320 -5.16 6.58 3.81
N PRO A 321 -4.39 7.67 3.74
CA PRO A 321 -3.36 7.85 4.77
C PRO A 321 -3.99 8.21 6.12
N LYS A 322 -3.26 7.94 7.18
CA LYS A 322 -3.73 8.25 8.53
C LYS A 322 -4.07 9.73 8.68
N LEU A 323 -3.27 10.60 8.07
CA LEU A 323 -3.48 12.04 8.20
C LEU A 323 -4.82 12.49 7.67
N ALA A 324 -5.44 11.65 6.83
CA ALA A 324 -6.69 12.01 6.18
C ALA A 324 -7.95 11.54 6.92
N VAL A 325 -7.81 10.72 7.97
CA VAL A 325 -9.00 10.16 8.61
C VAL A 325 -9.77 11.22 9.40
N ASP A 326 -11.06 10.94 9.61
CA ASP A 326 -11.96 11.84 10.30
C ASP A 326 -11.93 11.54 11.80
N GLN A 327 -11.14 12.33 12.53
CA GLN A 327 -10.87 12.05 13.93
C GLN A 327 -12.11 12.20 14.80
N MET A 328 -12.99 13.13 14.43
CA MET A 328 -14.19 13.36 15.24
C MET A 328 -15.20 12.22 15.12
N ARG A 329 -14.99 11.33 14.16
CA ARG A 329 -15.86 10.17 13.99
C ARG A 329 -15.23 8.90 14.55
N ALA A 330 -14.06 9.05 15.17
CA ALA A 330 -13.28 7.91 15.67
C ALA A 330 -12.96 6.96 14.53
N GLU A 331 -12.81 7.54 13.33
CA GLU A 331 -12.36 6.78 12.18
C GLU A 331 -10.85 6.57 12.27
N ILE A 332 -10.38 5.33 12.22
CA ILE A 332 -8.93 5.08 12.27
C ILE A 332 -8.38 4.66 10.91
N GLY A 333 -9.24 4.16 10.03
CA GLY A 333 -8.85 3.84 8.68
C GLY A 333 -10.02 3.94 7.73
N ARG A 334 -9.72 4.04 6.44
CA ARG A 334 -10.78 4.07 5.43
C ARG A 334 -10.32 3.40 4.15
N MET A 335 -11.12 2.43 3.70
CA MET A 335 -10.90 1.76 2.43
C MET A 335 -11.74 2.44 1.35
N LEU A 336 -11.14 2.61 0.18
CA LEU A 336 -11.89 2.98 -1.02
C LEU A 336 -12.00 1.72 -1.85
N LYS A 337 -13.23 1.24 -2.00
CA LYS A 337 -13.52 -0.03 -2.64
C LYS A 337 -14.14 0.19 -4.02
N GLN A 338 -13.47 -0.22 -5.09
CA GLN A 338 -14.09 -0.16 -6.42
C GLN A 338 -15.14 -1.26 -6.55
N GLU A 339 -16.36 -0.86 -6.90
CA GLU A 339 -17.43 -1.79 -7.19
C GLU A 339 -17.74 -1.71 -8.68
N ASN A 340 -17.67 -2.85 -9.35
CA ASN A 340 -17.80 -2.94 -10.80
C ASN A 340 -16.85 -1.97 -11.49
N GLY A 341 -17.33 -1.21 -12.46
CA GLY A 341 -16.47 -0.29 -13.19
C GLY A 341 -16.90 1.17 -13.08
N ASN A 342 -17.81 1.47 -12.15
CA ASN A 342 -18.41 2.80 -12.11
C ASN A 342 -18.55 3.44 -10.73
N VAL A 343 -18.19 2.71 -9.67
CA VAL A 343 -18.32 3.22 -8.30
C VAL A 343 -17.05 3.03 -7.46
N LEU A 344 -16.71 4.05 -6.68
CA LEU A 344 -15.80 3.89 -5.55
C LEU A 344 -16.61 4.06 -4.26
N GLN A 345 -16.57 3.03 -3.43
CA GLN A 345 -17.37 2.97 -2.21
C GLN A 345 -16.48 3.12 -0.98
N PRO A 346 -16.60 4.24 -0.26
CA PRO A 346 -15.78 4.34 0.94
C PRO A 346 -16.30 3.47 2.08
N ILE A 347 -15.37 2.87 2.82
CA ILE A 347 -15.69 2.09 4.00
C ILE A 347 -14.86 2.62 5.17
N SER A 348 -15.52 3.15 6.18
CA SER A 348 -14.84 3.62 7.38
C SER A 348 -14.65 2.47 8.36
N PHE A 349 -13.52 2.48 9.06
CA PHE A 349 -13.31 1.57 10.18
C PHE A 349 -13.23 2.40 11.44
N ILE A 350 -14.22 2.19 12.30
CA ILE A 350 -14.53 3.08 13.41
C ILE A 350 -14.50 2.32 14.72
N VAL A 351 -13.85 2.90 15.72
CA VAL A 351 -13.92 2.36 17.08
C VAL A 351 -15.21 2.85 17.74
N PRO A 352 -16.07 1.91 18.17
CA PRO A 352 -17.32 2.36 18.82
C PRO A 352 -17.05 2.97 20.18
N ARG A 353 -17.57 4.17 20.39
CA ARG A 353 -17.41 4.87 21.65
C ARG A 353 -18.74 5.50 22.03
N LYS A 354 -18.99 5.60 23.33
CA LYS A 354 -20.24 6.15 23.84
C LYS A 354 -20.50 7.54 23.26
N ASN A 355 -19.55 8.45 23.48
CA ASN A 355 -19.66 9.80 22.96
C ASN A 355 -19.14 9.88 21.55
N GLN A 356 -20.03 9.75 20.57
CA GLN A 356 -19.62 9.68 19.17
C GLN A 356 -19.34 11.07 18.59
N ASP A 357 -19.38 12.09 19.43
CA ASP A 357 -19.18 13.47 18.98
C ASP A 357 -18.18 14.24 19.85
N VAL A 358 -17.18 13.53 20.38
CA VAL A 358 -16.04 14.18 21.04
C VAL A 358 -14.77 13.43 20.69
N PHE A 359 -13.67 14.17 20.64
CA PHE A 359 -12.39 13.63 20.21
C PHE A 359 -11.87 12.55 21.14
N GLN A 360 -11.72 11.34 20.60
CA GLN A 360 -11.16 10.22 21.34
C GLN A 360 -9.64 10.25 21.19
N ALA A 361 -8.99 11.01 22.07
CA ALA A 361 -7.56 11.25 21.95
C ALA A 361 -6.74 9.97 21.99
N ASP A 362 -7.21 8.99 22.75
CA ASP A 362 -6.42 7.78 22.97
C ASP A 362 -6.29 6.93 21.71
N LEU A 363 -7.07 7.25 20.67
CA LEU A 363 -7.04 6.45 19.45
C LEU A 363 -6.03 6.94 18.41
N TYR A 364 -5.40 8.07 18.70
CA TYR A 364 -4.55 8.73 17.70
C TYR A 364 -3.15 9.05 18.22
N PRO A 365 -2.26 8.04 18.19
CA PRO A 365 -0.85 8.32 18.44
C PRO A 365 -0.25 9.17 17.34
N PRO A 366 0.96 9.69 17.54
CA PRO A 366 1.63 10.49 16.51
C PRO A 366 1.71 9.72 15.19
N ALA A 367 1.14 10.32 14.14
CA ALA A 367 0.99 9.66 12.85
C ALA A 367 2.17 9.99 11.94
N PRO A 368 2.48 9.10 10.98
CA PRO A 368 3.53 9.45 10.02
C PRO A 368 3.25 10.80 9.36
N ASP A 369 4.23 11.70 9.41
CA ASP A 369 4.08 13.03 8.83
C ASP A 369 4.49 13.06 7.37
N VAL A 370 4.15 14.16 6.70
CA VAL A 370 4.49 14.34 5.30
C VAL A 370 5.83 15.06 5.16
N GLU A 371 6.76 14.73 6.05
CA GLU A 371 8.12 15.24 6.02
C GLU A 371 9.10 14.08 6.03
N PRO A 372 10.05 14.03 5.07
CA PRO A 372 11.04 12.95 5.16
C PRO A 372 11.96 13.10 6.36
N SER A 373 12.33 11.99 7.02
CA SER A 373 13.25 12.08 8.14
C SER A 373 14.69 12.22 7.66
N MET A 374 14.94 11.78 6.43
CA MET A 374 16.28 11.80 5.84
C MET A 374 16.25 12.28 4.40
N THR A 375 17.25 13.05 4.01
CA THR A 375 17.53 13.29 2.60
C THR A 375 18.18 12.03 2.02
N ALA A 376 18.15 11.90 0.69
CA ALA A 376 18.79 10.75 0.06
C ALA A 376 20.27 10.70 0.43
N GLU A 377 20.91 11.87 0.46
CA GLU A 377 22.33 11.94 0.74
C GLU A 377 22.63 11.44 2.16
N GLU A 378 21.78 11.81 3.12
CA GLU A 378 21.93 11.35 4.50
C GLU A 378 21.76 9.83 4.58
N TRP A 379 20.77 9.32 3.86
CA TRP A 379 20.48 7.90 3.86
C TRP A 379 21.65 7.09 3.27
N PHE A 380 22.25 7.60 2.20
CA PHE A 380 23.37 6.89 1.58
C PHE A 380 24.62 6.93 2.45
N LYS A 381 24.66 7.85 3.41
CA LYS A 381 25.75 7.90 4.37
C LYS A 381 25.56 6.85 5.47
N GLY A 382 24.43 6.15 5.43
CA GLY A 382 24.16 5.06 6.36
C GLY A 382 23.26 5.43 7.53
N GLU A 383 22.64 6.60 7.47
CA GLU A 383 21.76 7.04 8.54
C GLU A 383 20.47 6.25 8.54
N ASN A 384 19.91 6.06 9.73
CA ASN A 384 18.59 5.48 9.90
C ASN A 384 17.77 6.28 10.91
N LYS A 385 17.40 7.49 10.53
CA LYS A 385 16.55 8.32 11.36
C LYS A 385 15.10 7.85 11.26
N ALA A 386 14.46 7.63 12.40
CA ALA A 386 13.07 7.17 12.43
C ALA A 386 12.16 8.17 11.71
N ILE A 387 11.07 7.69 11.12
CA ILE A 387 10.18 8.57 10.37
C ILE A 387 9.67 9.69 11.27
N ARG A 388 9.41 10.83 10.66
CA ARG A 388 8.88 11.96 11.37
C ARG A 388 7.39 11.75 11.58
N ARG A 389 6.91 12.22 12.73
CA ARG A 389 5.53 12.03 13.15
C ARG A 389 4.87 13.34 13.57
N ARG A 390 3.56 13.37 13.44
CA ARG A 390 2.77 14.53 13.84
C ARG A 390 1.57 14.07 14.64
N SER A 391 1.39 14.67 15.81
N SER A 391 1.39 14.65 15.82
CA SER A 391 0.19 14.48 16.61
CA SER A 391 0.18 14.43 16.59
C SER A 391 -0.91 15.37 16.04
C SER A 391 -0.91 15.35 16.05
N VAL A 392 -1.86 14.75 15.36
CA VAL A 392 -2.95 15.48 14.71
C VAL A 392 -4.10 15.62 15.66
N LYS A 393 -4.74 16.78 15.66
CA LYS A 393 -5.94 16.98 16.45
C LYS A 393 -6.93 17.82 15.64
N PRO A 394 -8.24 17.61 15.87
CA PRO A 394 -9.25 18.35 15.12
C PRO A 394 -9.42 19.78 15.63
C TRS B . 5.66 -22.88 6.19
C1 TRS B . 6.54 -22.41 5.04
C2 TRS B . 4.97 -21.67 6.81
C3 TRS B . 6.50 -23.63 7.24
N TRS B . 4.62 -23.77 5.66
O1 TRS B . 7.20 -23.50 4.42
O2 TRS B . 4.00 -21.18 5.92
O3 TRS B . 5.69 -24.10 8.29
H11 TRS B . 7.28 -21.72 5.41
H12 TRS B . 5.93 -21.90 4.30
H21 TRS B . 5.72 -20.89 7.01
H22 TRS B . 4.52 -21.95 7.75
H31 TRS B . 7.02 -24.46 6.77
H32 TRS B . 7.26 -22.95 7.64
HN1 TRS B . 4.99 -24.61 5.20
HN2 TRS B . 3.91 -23.29 5.11
HN3 TRS B . 4.14 -24.12 6.47
HO1 TRS B . 6.94 -24.35 4.87
HO2 TRS B . 3.56 -20.39 6.32
HO3 TRS B . 6.24 -24.56 8.94
C ACT C . 0.12 14.18 1.34
O ACT C . -0.23 15.36 1.56
OXT ACT C . -0.78 13.31 1.40
CH3 ACT C . 1.55 13.82 1.03
H1 ACT C . 2.16 14.73 1.04
H2 ACT C . 1.91 13.12 1.78
H3 ACT C . 1.59 13.36 0.05
#